data_1F5H
#
_entry.id   1F5H
#
_cell.length_a   1.000
_cell.length_b   1.000
_cell.length_c   1.000
_cell.angle_alpha   90.00
_cell.angle_beta   90.00
_cell.angle_gamma   90.00
#
_symmetry.space_group_name_H-M   'P 1'
#
_entity_poly.entity_id   1
_entity_poly.type   'polyribonucleotide'
_entity_poly.pdbx_seq_one_letter_code
;GCAGGCGUGC
;
_entity_poly.pdbx_strand_id   A,B
#